data_4E5U
#
_entry.id   4E5U
#
_cell.length_a   46.132
_cell.length_b   57.399
_cell.length_c   149.952
_cell.angle_alpha   90.00
_cell.angle_beta   90.00
_cell.angle_gamma   90.00
#
_symmetry.space_group_name_H-M   'P 21 21 21'
#
loop_
_entity.id
_entity.type
_entity.pdbx_description
1 polymer 'Thymidylate kinase'
2 non-polymer "THYMIDINE-5'-PHOSPHATE"
3 non-polymer 'CALCIUM ION'
4 water water
#
_entity_poly.entity_id   1
_entity_poly.type   'polypeptide(L)'
_entity_poly.pdbx_seq_one_letter_code
;SNA(MSE)TGLFVTLEGPEGAGKSTNRDYLAERLRERGIEVQLTREPGGTPLAERIRELLLAPSDEP(MSE)AADTELLL
(MSE)FAARAQHLAGVIRPALARGAVVLCDRFTDATYAYQGGGRGLPEARIAALESFVQGDLRPDLTLVFDLPVEIGLAR
AAARGRLDRFEQEDRRFFEAVRQTYLQRAAQAPERYQVLDAGLPLAEVQAGLDRLLPNLLERLNG
;
_entity_poly.pdbx_strand_id   A,B
#
loop_
_chem_comp.id
_chem_comp.type
_chem_comp.name
_chem_comp.formula
CA non-polymer 'CALCIUM ION' 'Ca 2'
TMP non-polymer THYMIDINE-5'-PHOSPHATE 'C10 H15 N2 O8 P'
#
# COMPACT_ATOMS: atom_id res chain seq x y z
N THR A 5 -0.88 7.02 -28.13
CA THR A 5 -1.62 7.84 -27.18
C THR A 5 -2.81 7.08 -26.57
N GLY A 6 -3.43 6.22 -27.37
CA GLY A 6 -4.44 5.27 -26.90
C GLY A 6 -5.66 5.86 -26.20
N LEU A 7 -6.43 4.99 -25.56
CA LEU A 7 -7.60 5.43 -24.80
C LEU A 7 -7.80 4.55 -23.58
N PHE A 8 -7.99 5.19 -22.43
CA PHE A 8 -8.13 4.50 -21.16
C PHE A 8 -9.61 4.50 -20.76
N VAL A 9 -10.25 3.34 -20.91
CA VAL A 9 -11.67 3.18 -20.58
C VAL A 9 -11.82 2.28 -19.36
N THR A 10 -12.62 2.69 -18.38
CA THR A 10 -12.85 1.84 -17.22
C THR A 10 -14.31 1.45 -17.11
N LEU A 11 -14.54 0.27 -16.56
CA LEU A 11 -15.90 -0.25 -16.39
C LEU A 11 -16.17 -0.45 -14.91
N GLU A 12 -17.25 0.16 -14.42
CA GLU A 12 -17.59 0.11 -12.99
C GLU A 12 -19.02 -0.36 -12.77
N GLY A 13 -19.36 -0.58 -11.52
CA GLY A 13 -20.70 -1.00 -11.15
C GLY A 13 -20.65 -1.73 -9.83
N PRO A 14 -21.82 -2.07 -9.28
CA PRO A 14 -21.93 -2.89 -8.07
C PRO A 14 -21.58 -4.37 -8.32
N GLU A 15 -21.64 -5.17 -7.26
CA GLU A 15 -21.15 -6.55 -7.29
C GLU A 15 -21.85 -7.43 -8.32
N SER A 20 -19.81 -9.33 -17.73
CA SER A 20 -18.52 -9.81 -18.22
C SER A 20 -18.49 -9.79 -19.75
N THR A 21 -19.59 -10.22 -20.36
CA THR A 21 -19.71 -10.22 -21.81
C THR A 21 -19.79 -8.80 -22.36
N ASN A 22 -19.97 -7.84 -21.47
CA ASN A 22 -20.01 -6.43 -21.86
C ASN A 22 -18.65 -5.98 -22.38
N ARG A 23 -17.63 -6.28 -21.60
CA ARG A 23 -16.27 -5.89 -21.97
C ARG A 23 -15.83 -6.65 -23.22
N ASP A 24 -16.15 -7.94 -23.30
CA ASP A 24 -15.79 -8.77 -24.45
C ASP A 24 -16.46 -8.29 -25.74
N TYR A 25 -17.72 -7.87 -25.63
CA TYR A 25 -18.45 -7.38 -26.79
C TYR A 25 -17.78 -6.12 -27.33
N LEU A 26 -17.50 -5.19 -26.43
CA LEU A 26 -16.83 -3.94 -26.77
C LEU A 26 -15.46 -4.21 -27.40
N ALA A 27 -14.74 -5.15 -26.82
CA ALA A 27 -13.42 -5.53 -27.33
C ALA A 27 -13.49 -6.08 -28.75
N GLU A 28 -14.46 -6.96 -29.00
CA GLU A 28 -14.63 -7.52 -30.34
C GLU A 28 -14.94 -6.43 -31.38
N ARG A 29 -15.73 -5.43 -30.99
CA ARG A 29 -16.15 -4.40 -31.94
C ARG A 29 -14.97 -3.50 -32.31
N LEU A 30 -14.11 -3.25 -31.32
CA LEU A 30 -12.93 -2.42 -31.53
C LEU A 30 -11.89 -3.15 -32.37
N ARG A 31 -11.65 -4.42 -32.06
CA ARG A 31 -10.67 -5.21 -32.80
C ARG A 31 -11.04 -5.36 -34.27
N GLU A 32 -12.34 -5.47 -34.53
CA GLU A 32 -12.81 -5.54 -35.91
C GLU A 32 -12.34 -4.33 -36.69
N ARG A 33 -12.08 -3.23 -35.97
CA ARG A 33 -11.64 -1.99 -36.60
C ARG A 33 -10.13 -1.83 -36.61
N GLY A 34 -9.41 -2.89 -36.25
CA GLY A 34 -7.95 -2.89 -36.32
C GLY A 34 -7.32 -2.28 -35.08
N ILE A 35 -8.16 -1.90 -34.13
CA ILE A 35 -7.68 -1.27 -32.90
C ILE A 35 -7.17 -2.34 -31.94
N GLU A 36 -6.01 -2.10 -31.33
CA GLU A 36 -5.49 -3.02 -30.31
C GLU A 36 -6.19 -2.78 -28.99
N VAL A 37 -6.61 -3.87 -28.35
CA VAL A 37 -7.34 -3.77 -27.09
C VAL A 37 -6.58 -4.50 -26.02
N GLN A 38 -6.40 -3.86 -24.87
CA GLN A 38 -5.77 -4.49 -23.73
C GLN A 38 -6.83 -4.68 -22.65
N LEU A 39 -7.15 -5.93 -22.36
CA LEU A 39 -8.13 -6.24 -21.33
C LEU A 39 -7.41 -6.36 -20.00
N THR A 40 -8.00 -5.79 -18.95
CA THR A 40 -7.42 -5.92 -17.60
C THR A 40 -8.45 -5.60 -16.50
N ARG A 41 -8.04 -5.72 -15.23
CA ARG A 41 -8.95 -5.56 -14.10
C ARG A 41 -8.20 -5.17 -12.83
N GLU A 42 -8.92 -4.53 -11.91
CA GLU A 42 -8.37 -4.13 -10.61
C GLU A 42 -9.29 -4.49 -9.44
N PRO A 43 -8.71 -4.79 -8.26
CA PRO A 43 -7.27 -4.96 -8.02
C PRO A 43 -6.74 -6.21 -8.73
N GLY A 44 -5.49 -6.16 -9.17
CA GLY A 44 -4.94 -7.24 -9.96
C GLY A 44 -4.31 -6.73 -11.25
N GLY A 45 -4.16 -7.61 -12.24
CA GLY A 45 -3.66 -7.21 -13.53
C GLY A 45 -2.22 -7.61 -13.82
N THR A 46 -1.48 -7.92 -12.76
CA THR A 46 -0.11 -8.43 -12.85
C THR A 46 0.03 -9.48 -11.75
N PRO A 47 1.06 -10.35 -11.82
CA PRO A 47 1.18 -11.38 -10.78
C PRO A 47 1.22 -10.78 -9.36
N LEU A 48 2.07 -9.77 -9.13
CA LEU A 48 2.11 -9.12 -7.81
C LEU A 48 0.79 -8.46 -7.46
N ALA A 49 0.20 -7.75 -8.42
CA ALA A 49 -1.06 -7.07 -8.15
C ALA A 49 -2.15 -8.09 -7.77
N GLU A 50 -2.11 -9.26 -8.41
CA GLU A 50 -3.06 -10.31 -8.06
C GLU A 50 -2.83 -10.88 -6.66
N ARG A 51 -1.58 -10.91 -6.20
CA ARG A 51 -1.29 -11.36 -4.85
C ARG A 51 -1.83 -10.34 -3.85
N ILE A 52 -1.80 -9.07 -4.23
CA ILE A 52 -2.33 -8.01 -3.40
C ILE A 52 -3.85 -8.11 -3.38
N ARG A 53 -4.44 -8.34 -4.55
CA ARG A 53 -5.86 -8.62 -4.64
C ARG A 53 -6.28 -9.72 -3.64
N GLU A 54 -5.51 -10.81 -3.60
CA GLU A 54 -5.84 -11.91 -2.69
C GLU A 54 -5.94 -11.47 -1.22
N LEU A 55 -4.98 -10.67 -0.76
CA LEU A 55 -4.98 -10.18 0.62
C LEU A 55 -6.18 -9.28 0.86
N LEU A 56 -6.54 -8.49 -0.14
CA LEU A 56 -7.67 -7.57 0.00
C LEU A 56 -9.02 -8.26 0.07
N LEU A 57 -9.16 -9.39 -0.62
CA LEU A 57 -10.47 -10.05 -0.70
C LEU A 57 -10.67 -11.16 0.34
N ALA A 58 -9.59 -11.62 0.95
CA ALA A 58 -9.69 -12.74 1.90
C ALA A 58 -10.30 -12.31 3.23
N PRO A 59 -11.39 -12.95 3.63
CA PRO A 59 -11.92 -12.71 4.98
C PRO A 59 -10.89 -13.07 6.04
N SER A 60 -10.89 -12.33 7.15
CA SER A 60 -9.98 -12.57 8.27
C SER A 60 -10.65 -12.14 9.58
N ASP A 61 -10.23 -12.75 10.69
CA ASP A 61 -10.72 -12.33 12.01
C ASP A 61 -10.08 -11.01 12.47
N GLU A 62 -8.94 -10.67 11.87
CA GLU A 62 -8.27 -9.41 12.17
C GLU A 62 -8.91 -8.31 11.33
N PRO A 63 -9.41 -7.24 11.97
CA PRO A 63 -10.01 -6.16 11.20
C PRO A 63 -8.94 -5.41 10.38
N MSE A 64 -9.20 -5.15 9.11
CA MSE A 64 -8.27 -4.37 8.28
C MSE A 64 -8.63 -2.90 8.43
O MSE A 64 -9.77 -2.50 8.17
CB MSE A 64 -8.36 -4.76 6.81
CG MSE A 64 -7.34 -4.06 5.89
SE MSE A 64 -7.51 -4.61 4.03
CE MSE A 64 -7.35 -6.53 4.19
N ALA A 65 -7.67 -2.09 8.86
CA ALA A 65 -7.89 -0.65 9.00
C ALA A 65 -8.26 -0.08 7.65
N ALA A 66 -9.14 0.93 7.66
CA ALA A 66 -9.51 1.62 6.42
C ALA A 66 -8.27 2.11 5.67
N ASP A 67 -7.32 2.72 6.38
CA ASP A 67 -6.12 3.23 5.68
C ASP A 67 -5.32 2.12 5.01
N THR A 68 -5.29 0.95 5.65
CA THR A 68 -4.55 -0.18 5.08
C THR A 68 -5.17 -0.63 3.78
N GLU A 69 -6.49 -0.82 3.80
CA GLU A 69 -7.27 -1.13 2.60
C GLU A 69 -7.01 -0.16 1.45
N LEU A 70 -7.06 1.13 1.76
CA LEU A 70 -6.83 2.17 0.76
C LEU A 70 -5.41 2.09 0.21
N LEU A 71 -4.44 1.93 1.09
CA LEU A 71 -3.03 1.84 0.66
C LEU A 71 -2.74 0.57 -0.15
N LEU A 72 -3.30 -0.56 0.25
CA LEU A 72 -3.16 -1.77 -0.55
C LEU A 72 -3.81 -1.61 -1.93
N MSE A 73 -4.98 -1.00 -1.98
CA MSE A 73 -5.65 -0.78 -3.27
C MSE A 73 -4.74 0.04 -4.17
O MSE A 73 -4.59 -0.26 -5.36
CB MSE A 73 -6.97 -0.04 -3.09
CG MSE A 73 -8.16 -0.95 -2.85
SE MSE A 73 -8.56 -2.13 -4.35
CE MSE A 73 -9.63 -3.39 -3.34
N PHE A 74 -4.14 1.06 -3.60
CA PHE A 74 -3.28 1.93 -4.41
C PHE A 74 -1.92 1.31 -4.74
N ALA A 75 -1.43 0.42 -3.87
CA ALA A 75 -0.20 -0.31 -4.17
C ALA A 75 -0.42 -1.22 -5.39
N ALA A 76 -1.56 -1.91 -5.43
CA ALA A 76 -1.82 -2.76 -6.58
C ALA A 76 -1.98 -1.89 -7.84
N ARG A 77 -2.62 -0.73 -7.68
CA ARG A 77 -2.81 0.21 -8.80
C ARG A 77 -1.49 0.70 -9.38
N ALA A 78 -0.57 1.08 -8.50
CA ALA A 78 0.75 1.52 -8.98
C ALA A 78 1.46 0.45 -9.83
N GLN A 79 1.43 -0.80 -9.36
CA GLN A 79 2.09 -1.90 -10.07
C GLN A 79 1.41 -2.12 -11.42
N HIS A 80 0.09 -2.10 -11.39
CA HIS A 80 -0.73 -2.31 -12.60
C HIS A 80 -0.56 -1.18 -13.62
N LEU A 81 -0.55 0.06 -13.15
CA LEU A 81 -0.33 1.19 -14.05
C LEU A 81 1.00 1.08 -14.75
N ALA A 82 2.05 0.75 -13.99
CA ALA A 82 3.40 0.71 -14.54
C ALA A 82 3.61 -0.46 -15.48
N GLY A 83 3.06 -1.61 -15.08
CA GLY A 83 3.29 -2.84 -15.80
C GLY A 83 2.40 -3.07 -17.01
N VAL A 84 1.16 -2.59 -16.94
CA VAL A 84 0.16 -2.94 -17.96
C VAL A 84 -0.47 -1.73 -18.65
N ILE A 85 -1.02 -0.82 -17.86
CA ILE A 85 -1.80 0.28 -18.43
C ILE A 85 -0.97 1.28 -19.24
N ARG A 86 0.07 1.84 -18.64
CA ARG A 86 0.87 2.83 -19.37
C ARG A 86 1.53 2.27 -20.63
N PRO A 87 2.13 1.07 -20.53
CA PRO A 87 2.69 0.48 -21.76
C PRO A 87 1.65 0.31 -22.88
N ALA A 88 0.47 -0.21 -22.53
CA ALA A 88 -0.61 -0.37 -23.49
C ALA A 88 -1.00 0.95 -24.13
N LEU A 89 -1.19 1.99 -23.33
CA LEU A 89 -1.54 3.30 -23.87
C LEU A 89 -0.44 3.82 -24.79
N ALA A 90 0.80 3.48 -24.49
CA ALA A 90 1.95 3.94 -25.30
C ALA A 90 2.02 3.23 -26.64
N ARG A 91 1.37 2.06 -26.75
CA ARG A 91 1.28 1.32 -28.00
C ARG A 91 0.10 1.78 -28.82
N GLY A 92 -0.70 2.69 -28.26
CA GLY A 92 -1.87 3.21 -28.94
C GLY A 92 -3.13 2.38 -28.69
N ALA A 93 -3.06 1.46 -27.73
CA ALA A 93 -4.17 0.54 -27.51
C ALA A 93 -5.35 1.22 -26.81
N VAL A 94 -6.53 0.65 -26.96
CA VAL A 94 -7.63 0.97 -26.04
C VAL A 94 -7.56 0.02 -24.85
N VAL A 95 -7.44 0.57 -23.63
CA VAL A 95 -7.43 -0.28 -22.44
C VAL A 95 -8.85 -0.39 -21.92
N LEU A 96 -9.33 -1.62 -21.72
CA LEU A 96 -10.65 -1.82 -21.14
C LEU A 96 -10.44 -2.46 -19.78
N CYS A 97 -10.55 -1.63 -18.73
CA CYS A 97 -10.15 -2.04 -17.39
C CYS A 97 -11.37 -2.20 -16.49
N ASP A 98 -11.56 -3.38 -15.92
CA ASP A 98 -12.68 -3.58 -14.98
C ASP A 98 -12.30 -3.04 -13.62
N ARG A 99 -12.88 -1.89 -13.28
CA ARG A 99 -12.67 -1.17 -12.03
C ARG A 99 -11.37 -0.38 -11.99
N PHE A 100 -11.43 0.78 -11.37
CA PHE A 100 -10.27 1.63 -11.21
C PHE A 100 -10.55 2.57 -10.05
N THR A 101 -10.02 3.78 -10.10
CA THR A 101 -10.13 4.67 -8.95
C THR A 101 -11.55 5.13 -8.61
N ASP A 102 -12.47 5.11 -9.58
CA ASP A 102 -13.86 5.38 -9.24
C ASP A 102 -14.36 4.38 -8.20
N ALA A 103 -13.95 3.13 -8.31
CA ALA A 103 -14.30 2.12 -7.31
C ALA A 103 -13.72 2.49 -5.94
N THR A 104 -12.56 3.13 -5.93
CA THR A 104 -11.94 3.51 -4.65
C THR A 104 -12.78 4.61 -3.99
N TYR A 105 -13.22 5.58 -4.78
CA TYR A 105 -14.11 6.61 -4.24
C TYR A 105 -15.41 6.01 -3.73
N ALA A 106 -15.92 5.00 -4.43
CA ALA A 106 -17.21 4.41 -4.05
C ALA A 106 -17.08 3.47 -2.84
N TYR A 107 -16.11 2.55 -2.91
CA TYR A 107 -15.94 1.56 -1.84
C TYR A 107 -15.19 2.09 -0.63
N GLN A 108 -14.03 2.69 -0.83
CA GLN A 108 -13.27 3.21 0.31
C GLN A 108 -13.83 4.55 0.78
N GLY A 109 -14.40 5.31 -0.14
CA GLY A 109 -14.99 6.60 0.20
C GLY A 109 -16.43 6.49 0.68
N GLY A 110 -17.33 6.10 -0.22
CA GLY A 110 -18.72 5.91 0.16
C GLY A 110 -18.89 4.83 1.21
N GLY A 111 -18.31 3.66 0.96
CA GLY A 111 -18.48 2.52 1.84
C GLY A 111 -17.78 2.63 3.18
N ARG A 112 -16.47 2.85 3.17
CA ARG A 112 -15.68 2.93 4.40
C ARG A 112 -15.80 4.27 5.10
N GLY A 113 -16.05 5.33 4.33
CA GLY A 113 -16.19 6.65 4.90
C GLY A 113 -14.90 7.47 4.93
N LEU A 114 -13.87 7.03 4.21
CA LEU A 114 -12.65 7.84 4.11
C LEU A 114 -12.94 9.10 3.31
N PRO A 115 -12.40 10.24 3.75
CA PRO A 115 -12.69 11.51 3.07
C PRO A 115 -12.15 11.57 1.65
N GLU A 116 -12.92 12.22 0.76
CA GLU A 116 -12.56 12.29 -0.65
C GLU A 116 -11.16 12.89 -0.85
N ALA A 117 -10.82 13.85 0.01
CA ALA A 117 -9.54 14.55 -0.11
C ALA A 117 -8.36 13.59 0.07
N ARG A 118 -8.53 12.60 0.94
CA ARG A 118 -7.46 11.63 1.20
CA ARG A 118 -7.47 11.63 1.21
C ARG A 118 -7.35 10.63 0.06
N ILE A 119 -8.48 10.26 -0.52
CA ILE A 119 -8.44 9.39 -1.69
C ILE A 119 -7.80 10.15 -2.83
N ALA A 120 -8.17 11.42 -3.00
CA ALA A 120 -7.61 12.24 -4.06
C ALA A 120 -6.10 12.43 -3.91
N ALA A 121 -5.63 12.56 -2.67
CA ALA A 121 -4.20 12.70 -2.44
C ALA A 121 -3.42 11.50 -3.00
N LEU A 122 -3.92 10.29 -2.78
CA LEU A 122 -3.27 9.08 -3.28
C LEU A 122 -3.47 8.92 -4.78
N GLU A 123 -4.62 9.36 -5.28
CA GLU A 123 -4.88 9.31 -6.71
C GLU A 123 -3.77 10.08 -7.42
N SER A 124 -3.50 11.30 -6.94
CA SER A 124 -2.45 12.13 -7.50
C SER A 124 -1.06 11.53 -7.28
N PHE A 125 -0.83 11.02 -6.07
CA PHE A 125 0.46 10.47 -5.73
C PHE A 125 0.81 9.34 -6.68
N VAL A 126 -0.18 8.47 -6.93
CA VAL A 126 0.07 7.25 -7.70
C VAL A 126 -0.03 7.45 -9.21
N GLN A 127 -1.00 8.26 -9.65
CA GLN A 127 -1.32 8.37 -11.08
C GLN A 127 -0.73 9.59 -11.77
N GLY A 128 -0.21 10.53 -10.98
CA GLY A 128 0.21 11.80 -11.55
C GLY A 128 -1.01 12.46 -12.18
N ASP A 129 -0.91 12.82 -13.47
CA ASP A 129 -2.03 13.45 -14.18
C ASP A 129 -2.98 12.47 -14.87
N LEU A 130 -2.60 11.20 -14.94
CA LEU A 130 -3.37 10.18 -15.66
C LEU A 130 -4.73 9.87 -15.02
N ARG A 131 -5.78 9.95 -15.83
CA ARG A 131 -7.14 9.57 -15.43
C ARG A 131 -7.77 8.81 -16.59
N PRO A 132 -8.79 8.00 -16.31
CA PRO A 132 -9.51 7.36 -17.41
C PRO A 132 -10.09 8.42 -18.34
N ASP A 133 -10.17 8.09 -19.62
CA ASP A 133 -10.77 9.01 -20.60
C ASP A 133 -12.28 8.85 -20.60
N LEU A 134 -12.73 7.66 -20.24
CA LEU A 134 -14.15 7.36 -20.25
C LEU A 134 -14.42 6.26 -19.24
N THR A 135 -15.50 6.42 -18.49
CA THR A 135 -15.88 5.39 -17.52
C THR A 135 -17.33 4.96 -17.72
N LEU A 136 -17.52 3.67 -17.93
CA LEU A 136 -18.84 3.11 -18.12
C LEU A 136 -19.34 2.57 -16.79
N VAL A 137 -20.44 3.14 -16.30
CA VAL A 137 -21.06 2.68 -15.06
C VAL A 137 -22.27 1.82 -15.37
N PHE A 138 -22.16 0.53 -15.08
CA PHE A 138 -23.28 -0.39 -15.24
C PHE A 138 -24.07 -0.42 -13.94
N ASP A 139 -25.16 0.32 -13.91
CA ASP A 139 -25.94 0.56 -12.71
C ASP A 139 -26.94 -0.57 -12.47
N LEU A 140 -27.21 -0.84 -11.20
CA LEU A 140 -28.12 -1.91 -10.83
C LEU A 140 -28.48 -1.75 -9.35
N PRO A 141 -29.76 -1.95 -8.99
CA PRO A 141 -30.08 -1.86 -7.56
C PRO A 141 -29.26 -2.85 -6.74
N VAL A 142 -28.79 -2.43 -5.57
CA VAL A 142 -27.81 -3.19 -4.80
C VAL A 142 -28.22 -4.63 -4.51
N GLU A 143 -29.47 -4.85 -4.12
CA GLU A 143 -29.95 -6.17 -3.76
C GLU A 143 -29.75 -7.19 -4.88
N ILE A 144 -30.04 -6.78 -6.11
CA ILE A 144 -29.95 -7.68 -7.25
C ILE A 144 -28.53 -8.17 -7.52
N GLY A 145 -27.56 -7.29 -7.32
CA GLY A 145 -26.17 -7.62 -7.56
C GLY A 145 -25.56 -8.47 -6.46
N LEU A 146 -26.03 -8.24 -5.23
CA LEU A 146 -25.58 -9.02 -4.08
C LEU A 146 -26.18 -10.41 -4.10
N ALA A 147 -27.38 -10.52 -4.65
CA ALA A 147 -28.02 -11.80 -4.85
C ALA A 147 -27.24 -12.60 -5.90
N ARG A 148 -26.74 -11.89 -6.90
CA ARG A 148 -25.93 -12.52 -7.95
C ARG A 148 -24.64 -13.08 -7.35
N ALA A 149 -24.02 -12.32 -6.46
CA ALA A 149 -22.85 -12.79 -5.72
C ALA A 149 -23.23 -13.94 -4.78
N ALA A 150 -24.35 -13.76 -4.06
CA ALA A 150 -24.83 -14.78 -3.12
C ALA A 150 -25.12 -16.11 -3.81
N ALA A 151 -25.50 -16.04 -5.08
CA ALA A 151 -25.89 -17.24 -5.84
C ALA A 151 -24.69 -18.10 -6.26
N ARG A 152 -23.49 -17.52 -6.24
CA ARG A 152 -22.29 -18.27 -6.57
C ARG A 152 -21.42 -18.51 -5.34
N ARG A 154 -18.94 -18.45 -2.18
CA ARG A 154 -18.51 -17.88 -0.90
C ARG A 154 -18.19 -16.41 -1.05
N LEU A 155 -18.80 -15.59 -0.19
CA LEU A 155 -18.63 -14.15 -0.27
C LEU A 155 -17.31 -13.69 0.34
N ASP A 156 -16.62 -12.79 -0.37
CA ASP A 156 -15.34 -12.27 0.06
C ASP A 156 -15.53 -11.09 1.01
N ARG A 157 -14.44 -10.44 1.40
CA ARG A 157 -14.48 -9.37 2.41
C ARG A 157 -15.45 -8.25 2.08
N PHE A 158 -15.50 -7.87 0.81
CA PHE A 158 -16.38 -6.77 0.40
C PHE A 158 -17.82 -7.24 0.24
N GLU A 159 -17.98 -8.35 -0.48
CA GLU A 159 -19.30 -8.90 -0.77
C GLU A 159 -20.16 -9.15 0.47
N GLN A 160 -19.52 -9.33 1.62
CA GLN A 160 -20.27 -9.63 2.84
C GLN A 160 -20.65 -8.40 3.67
N GLU A 161 -20.42 -7.22 3.12
CA GLU A 161 -20.82 -5.97 3.77
C GLU A 161 -22.34 -5.77 3.73
N ASP A 162 -22.83 -4.81 4.50
CA ASP A 162 -24.28 -4.61 4.65
C ASP A 162 -24.90 -3.68 3.61
N ARG A 163 -26.21 -3.49 3.73
CA ARG A 163 -26.99 -2.68 2.79
C ARG A 163 -26.53 -1.22 2.75
N ARG A 164 -26.35 -0.63 3.93
CA ARG A 164 -25.85 0.74 4.01
C ARG A 164 -24.57 0.87 3.19
N PHE A 165 -23.64 -0.06 3.38
CA PHE A 165 -22.37 -0.05 2.64
C PHE A 165 -22.58 -0.01 1.12
N PHE A 166 -23.34 -0.95 0.59
CA PHE A 166 -23.52 -1.02 -0.86
C PHE A 166 -24.37 0.11 -1.44
N GLU A 167 -25.32 0.61 -0.65
CA GLU A 167 -26.09 1.75 -1.09
C GLU A 167 -25.19 2.98 -1.23
N ALA A 168 -24.23 3.13 -0.31
CA ALA A 168 -23.25 4.20 -0.41
C ALA A 168 -22.44 4.02 -1.70
N VAL A 169 -22.08 2.77 -1.97
CA VAL A 169 -21.28 2.45 -3.15
C VAL A 169 -22.02 2.86 -4.43
N ARG A 170 -23.28 2.47 -4.54
CA ARG A 170 -24.04 2.75 -5.75
C ARG A 170 -24.25 4.25 -5.94
N GLN A 171 -24.62 4.94 -4.87
CA GLN A 171 -24.90 6.37 -4.95
C GLN A 171 -23.64 7.20 -5.17
N THR A 172 -22.50 6.71 -4.71
CA THR A 172 -21.24 7.41 -4.98
C THR A 172 -20.95 7.37 -6.47
N TYR A 173 -21.17 6.19 -7.07
CA TYR A 173 -20.93 6.02 -8.50
C TYR A 173 -21.82 6.98 -9.28
N LEU A 174 -23.10 7.02 -8.93
CA LEU A 174 -24.07 7.84 -9.64
C LEU A 174 -23.78 9.34 -9.51
N GLN A 175 -23.39 9.77 -8.31
CA GLN A 175 -23.10 11.16 -8.03
C GLN A 175 -21.86 11.66 -8.76
N ARG A 176 -20.83 10.82 -8.82
CA ARG A 176 -19.61 11.20 -9.54
C ARG A 176 -19.89 11.33 -11.04
N ALA A 177 -20.72 10.44 -11.58
CA ALA A 177 -21.08 10.47 -12.99
C ALA A 177 -21.91 11.72 -13.32
N ALA A 178 -22.82 12.07 -12.42
CA ALA A 178 -23.68 13.22 -12.63
C ALA A 178 -22.87 14.52 -12.58
N GLN A 179 -21.82 14.52 -11.77
CA GLN A 179 -20.98 15.69 -11.57
C GLN A 179 -20.04 15.98 -12.73
N ALA A 180 -19.64 14.94 -13.46
CA ALA A 180 -18.75 15.12 -14.61
C ALA A 180 -19.27 14.29 -15.77
N PRO A 181 -20.45 14.64 -16.31
CA PRO A 181 -21.06 13.76 -17.31
C PRO A 181 -20.23 13.55 -18.57
N GLU A 182 -19.28 14.46 -18.83
CA GLU A 182 -18.42 14.32 -20.01
C GLU A 182 -17.49 13.10 -19.92
N ARG A 183 -17.31 12.57 -18.72
CA ARG A 183 -16.35 11.49 -18.48
C ARG A 183 -17.03 10.14 -18.26
N TYR A 184 -18.35 10.14 -18.15
CA TYR A 184 -19.06 8.92 -17.76
C TYR A 184 -20.21 8.61 -18.73
N GLN A 185 -20.56 7.33 -18.82
CA GLN A 185 -21.84 6.93 -19.38
C GLN A 185 -22.45 5.95 -18.40
N VAL A 186 -23.69 6.19 -18.01
CA VAL A 186 -24.39 5.31 -17.07
C VAL A 186 -25.36 4.42 -17.83
N LEU A 187 -25.21 3.13 -17.66
CA LEU A 187 -26.04 2.14 -18.35
C LEU A 187 -26.84 1.29 -17.37
N ASP A 188 -27.99 0.81 -17.82
CA ASP A 188 -28.82 -0.06 -17.01
C ASP A 188 -28.38 -1.50 -17.22
N ALA A 189 -27.80 -2.08 -16.19
CA ALA A 189 -27.22 -3.42 -16.28
C ALA A 189 -28.25 -4.55 -16.15
N GLY A 190 -29.53 -4.21 -16.25
CA GLY A 190 -30.59 -5.20 -16.14
C GLY A 190 -31.31 -5.51 -17.45
N LEU A 191 -30.97 -4.77 -18.49
CA LEU A 191 -31.60 -4.90 -19.80
C LEU A 191 -31.38 -6.27 -20.44
N PRO A 192 -32.32 -6.70 -21.29
CA PRO A 192 -32.15 -7.94 -22.08
C PRO A 192 -30.87 -7.89 -22.91
N LEU A 193 -30.15 -9.00 -22.99
CA LEU A 193 -28.86 -9.07 -23.66
C LEU A 193 -28.81 -8.28 -24.97
N ALA A 194 -29.82 -8.46 -25.82
CA ALA A 194 -29.86 -7.76 -27.09
C ALA A 194 -29.87 -6.25 -26.86
N GLU A 195 -30.59 -5.82 -25.83
CA GLU A 195 -30.75 -4.40 -25.55
C GLU A 195 -29.50 -3.80 -24.90
N VAL A 196 -28.75 -4.63 -24.18
CA VAL A 196 -27.48 -4.19 -23.64
C VAL A 196 -26.50 -3.96 -24.78
N GLN A 197 -26.42 -4.94 -25.69
CA GLN A 197 -25.49 -4.85 -26.81
C GLN A 197 -25.82 -3.66 -27.71
N ALA A 198 -27.10 -3.33 -27.83
CA ALA A 198 -27.50 -2.19 -28.64
C ALA A 198 -26.98 -0.88 -28.04
N GLY A 199 -26.99 -0.81 -26.71
CA GLY A 199 -26.45 0.34 -25.99
C GLY A 199 -24.94 0.42 -26.13
N LEU A 200 -24.28 -0.74 -26.14
CA LEU A 200 -22.84 -0.79 -26.37
C LEU A 200 -22.51 -0.33 -27.79
N ASP A 201 -23.27 -0.81 -28.77
CA ASP A 201 -23.13 -0.34 -30.15
C ASP A 201 -23.24 1.19 -30.22
N ARG A 202 -24.24 1.71 -29.51
CA ARG A 202 -24.55 3.14 -29.56
C ARG A 202 -23.44 4.04 -29.00
N LEU A 203 -22.72 3.57 -28.00
CA LEU A 203 -21.69 4.39 -27.38
C LEU A 203 -20.36 4.29 -28.13
N LEU A 204 -20.27 3.33 -29.05
CA LEU A 204 -19.05 3.09 -29.81
C LEU A 204 -18.57 4.28 -30.66
N PRO A 205 -19.49 4.96 -31.38
CA PRO A 205 -19.02 6.10 -32.18
C PRO A 205 -18.29 7.13 -31.33
N ASN A 206 -18.82 7.44 -30.16
CA ASN A 206 -18.17 8.43 -29.30
C ASN A 206 -16.84 7.90 -28.77
N LEU A 207 -16.80 6.61 -28.44
CA LEU A 207 -15.55 6.00 -27.98
C LEU A 207 -14.48 6.22 -29.05
N LEU A 208 -14.85 5.98 -30.30
CA LEU A 208 -13.90 6.16 -31.40
C LEU A 208 -13.54 7.63 -31.63
N GLU A 209 -14.49 8.52 -31.37
CA GLU A 209 -14.20 9.94 -31.51
C GLU A 209 -13.17 10.34 -30.46
N ARG A 210 -13.28 9.72 -29.29
CA ARG A 210 -12.34 10.01 -28.21
C ARG A 210 -10.94 9.54 -28.60
N LEU A 211 -10.87 8.31 -29.10
CA LEU A 211 -9.59 7.72 -29.47
C LEU A 211 -8.92 8.54 -30.56
N ASN A 212 -9.68 8.85 -31.61
CA ASN A 212 -9.14 9.52 -32.78
C ASN A 212 -9.05 11.03 -32.59
N GLY A 213 -9.42 11.52 -31.42
CA GLY A 213 -9.40 12.94 -31.15
C GLY A 213 -8.06 13.43 -30.62
N THR B 5 0.93 9.54 26.47
CA THR B 5 1.64 8.66 27.37
C THR B 5 2.38 7.56 26.62
N GLY B 6 2.99 6.63 27.35
CA GLY B 6 3.82 5.61 26.74
C GLY B 6 5.06 6.18 26.07
N LEU B 7 5.84 5.32 25.44
CA LEU B 7 7.04 5.75 24.73
C LEU B 7 7.25 4.88 23.49
N PHE B 8 7.61 5.52 22.37
CA PHE B 8 7.76 4.83 21.10
C PHE B 8 9.24 4.85 20.69
N VAL B 9 9.89 3.69 20.78
CA VAL B 9 11.31 3.59 20.48
C VAL B 9 11.50 2.68 19.28
N THR B 10 12.31 3.11 18.33
CA THR B 10 12.57 2.25 17.19
C THR B 10 14.05 1.89 17.11
N LEU B 11 14.31 0.70 16.62
CA LEU B 11 15.67 0.21 16.49
C LEU B 11 15.95 0.05 15.02
N GLU B 12 17.03 0.69 14.56
CA GLU B 12 17.35 0.76 13.14
C GLU B 12 18.80 0.45 12.92
N GLY B 13 19.19 0.42 11.66
CA GLY B 13 20.58 0.27 11.31
C GLY B 13 20.73 -0.36 9.94
N PRO B 14 21.97 -0.43 9.45
CA PRO B 14 22.26 -1.08 8.17
C PRO B 14 21.75 -2.51 8.15
N GLU B 15 21.58 -3.07 6.95
CA GLU B 15 21.20 -4.46 6.79
C GLU B 15 22.07 -5.35 7.67
N GLY B 16 21.44 -6.15 8.53
CA GLY B 16 22.16 -7.07 9.39
C GLY B 16 22.06 -6.71 10.85
N ALA B 17 21.92 -7.73 11.69
CA ALA B 17 21.83 -9.11 11.23
C ALA B 17 20.45 -9.42 10.66
N SER B 20 17.20 -7.85 16.95
CA SER B 20 16.29 -8.68 17.73
C SER B 20 16.83 -8.88 19.16
N THR B 21 18.13 -9.12 19.26
CA THR B 21 18.77 -9.34 20.55
C THR B 21 18.70 -8.13 21.47
N ASN B 22 19.07 -6.96 20.95
CA ASN B 22 19.04 -5.74 21.73
C ASN B 22 17.63 -5.31 22.11
N ARG B 23 16.71 -5.40 21.14
CA ARG B 23 15.32 -5.12 21.45
C ARG B 23 14.89 -5.94 22.65
N ASP B 24 15.17 -7.24 22.59
CA ASP B 24 14.79 -8.15 23.66
C ASP B 24 15.55 -7.86 24.96
N TYR B 25 16.78 -7.35 24.85
CA TYR B 25 17.57 -6.99 26.02
C TYR B 25 17.04 -5.75 26.75
N LEU B 26 16.93 -4.64 26.03
CA LEU B 26 16.40 -3.41 26.59
C LEU B 26 15.08 -3.70 27.27
N ALA B 27 14.28 -4.54 26.63
CA ALA B 27 13.01 -4.97 27.18
C ALA B 27 13.17 -5.48 28.61
N GLU B 28 14.22 -6.26 28.85
CA GLU B 28 14.46 -6.87 30.16
C GLU B 28 14.79 -5.84 31.24
N ARG B 29 15.62 -4.88 30.87
CA ARG B 29 15.96 -3.79 31.78
C ARG B 29 14.72 -2.96 32.12
N LEU B 30 13.82 -2.83 31.15
CA LEU B 30 12.61 -2.04 31.37
C LEU B 30 11.57 -2.82 32.16
N ARG B 31 11.43 -4.10 31.85
CA ARG B 31 10.48 -4.95 32.58
C ARG B 31 10.81 -5.07 34.05
N GLU B 32 12.09 -5.18 34.37
CA GLU B 32 12.47 -5.34 35.76
C GLU B 32 12.17 -4.09 36.59
N ARG B 33 11.89 -2.99 35.90
CA ARG B 33 11.51 -1.74 36.56
C ARG B 33 9.98 -1.61 36.69
N GLY B 34 9.25 -2.59 36.17
CA GLY B 34 7.81 -2.60 36.33
C GLY B 34 7.09 -1.94 35.17
N ILE B 35 7.83 -1.67 34.10
CA ILE B 35 7.30 -1.06 32.89
C ILE B 35 6.77 -2.13 31.93
N GLU B 36 5.60 -1.87 31.34
CA GLU B 36 5.04 -2.73 30.30
C GLU B 36 5.75 -2.46 28.98
N VAL B 37 6.24 -3.51 28.35
CA VAL B 37 6.97 -3.38 27.10
C VAL B 37 6.26 -4.17 25.99
N GLN B 38 6.06 -3.55 24.83
CA GLN B 38 5.44 -4.22 23.68
C GLN B 38 6.51 -4.30 22.60
N LEU B 39 6.90 -5.52 22.25
CA LEU B 39 7.97 -5.73 21.28
C LEU B 39 7.36 -6.01 19.92
N THR B 40 7.96 -5.47 18.86
CA THR B 40 7.39 -5.66 17.54
C THR B 40 8.41 -5.36 16.44
N ARG B 41 8.00 -5.44 15.17
CA ARG B 41 8.95 -5.23 14.07
C ARG B 41 8.20 -4.90 12.77
N GLU B 42 8.91 -4.24 11.85
CA GLU B 42 8.32 -3.86 10.57
C GLU B 42 9.25 -4.23 9.41
N PRO B 43 8.68 -4.53 8.24
CA PRO B 43 7.25 -4.71 8.05
C PRO B 43 6.74 -5.95 8.78
N GLY B 44 5.50 -5.89 9.26
CA GLY B 44 4.88 -6.99 10.00
C GLY B 44 4.24 -6.48 11.28
N GLY B 45 4.13 -7.34 12.30
CA GLY B 45 3.59 -6.93 13.58
C GLY B 45 2.18 -7.41 13.85
N THR B 46 1.45 -7.70 12.78
CA THR B 46 0.08 -8.23 12.83
C THR B 46 -0.03 -9.29 11.75
N PRO B 47 -0.99 -10.21 11.88
CA PRO B 47 -1.18 -11.24 10.84
C PRO B 47 -1.20 -10.68 9.40
N LEU B 48 -2.00 -9.65 9.13
CA LEU B 48 -2.02 -9.06 7.79
C LEU B 48 -0.70 -8.38 7.48
N ALA B 49 -0.15 -7.64 8.43
CA ALA B 49 1.12 -6.97 8.17
C ALA B 49 2.22 -7.99 7.87
N GLU B 50 2.15 -9.15 8.52
CA GLU B 50 3.12 -10.21 8.23
C GLU B 50 2.91 -10.77 6.82
N ARG B 51 1.67 -10.82 6.35
CA ARG B 51 1.44 -11.28 4.98
C ARG B 51 2.00 -10.28 3.99
N ILE B 52 1.89 -9.00 4.33
CA ILE B 52 2.43 -7.96 3.46
C ILE B 52 3.96 -8.04 3.45
N ARG B 53 4.56 -8.27 4.62
CA ARG B 53 6.00 -8.51 4.68
C ARG B 53 6.42 -9.62 3.71
N GLU B 54 5.65 -10.70 3.67
CA GLU B 54 6.03 -11.82 2.83
C GLU B 54 6.07 -11.42 1.34
N LEU B 55 5.08 -10.64 0.91
CA LEU B 55 5.08 -10.13 -0.47
C LEU B 55 6.29 -9.25 -0.76
N LEU B 56 6.62 -8.38 0.18
CA LEU B 56 7.74 -7.46 0.04
C LEU B 56 9.10 -8.16 0.00
N LEU B 57 9.24 -9.28 0.72
CA LEU B 57 10.55 -9.93 0.83
C LEU B 57 10.76 -11.03 -0.19
N ALA B 58 9.68 -11.53 -0.78
CA ALA B 58 9.76 -12.63 -1.74
C ALA B 58 10.35 -12.22 -3.10
N PRO B 59 11.49 -12.82 -3.47
CA PRO B 59 12.04 -12.56 -4.80
C PRO B 59 11.07 -12.94 -5.90
N SER B 60 11.12 -12.19 -6.99
CA SER B 60 10.23 -12.45 -8.12
C SER B 60 10.89 -12.00 -9.42
N ASP B 61 10.51 -12.62 -10.53
CA ASP B 61 10.99 -12.19 -11.83
C ASP B 61 10.22 -10.98 -12.38
N GLU B 62 9.12 -10.64 -11.71
CA GLU B 62 8.39 -9.40 -12.01
C GLU B 62 9.00 -8.23 -11.24
N PRO B 63 9.45 -7.19 -11.95
CA PRO B 63 10.00 -6.03 -11.22
C PRO B 63 8.91 -5.33 -10.40
N MSE B 64 9.17 -5.09 -9.13
CA MSE B 64 8.22 -4.36 -8.29
C MSE B 64 8.48 -2.87 -8.44
O MSE B 64 9.60 -2.41 -8.19
CB MSE B 64 8.35 -4.77 -6.82
CG MSE B 64 7.29 -4.16 -5.91
SE MSE B 64 7.59 -4.53 -4.02
CE MSE B 64 7.33 -6.46 -4.01
N ALA B 65 7.47 -2.13 -8.88
CA ALA B 65 7.58 -0.69 -9.05
C ALA B 65 7.98 -0.05 -7.73
N ALA B 66 8.78 1.00 -7.79
CA ALA B 66 9.19 1.67 -6.55
C ALA B 66 7.98 2.17 -5.77
N ASP B 67 6.98 2.71 -6.47
CA ASP B 67 5.78 3.19 -5.78
C ASP B 67 5.05 2.04 -5.10
N THR B 68 5.02 0.88 -5.75
CA THR B 68 4.39 -0.31 -5.15
C THR B 68 5.10 -0.70 -3.86
N GLU B 69 6.43 -0.73 -3.89
CA GLU B 69 7.21 -1.10 -2.71
C GLU B 69 6.94 -0.13 -1.57
N LEU B 70 6.92 1.17 -1.90
CA LEU B 70 6.68 2.21 -0.91
C LEU B 70 5.29 2.08 -0.30
N LEU B 71 4.29 1.87 -1.14
CA LEU B 71 2.91 1.77 -0.65
C LEU B 71 2.61 0.51 0.14
N LEU B 72 3.19 -0.62 -0.24
CA LEU B 72 3.05 -1.82 0.57
C LEU B 72 3.69 -1.61 1.93
N MSE B 73 4.88 -1.01 1.94
CA MSE B 73 5.56 -0.72 3.20
C MSE B 73 4.66 0.12 4.11
O MSE B 73 4.53 -0.17 5.31
CB MSE B 73 6.90 -0.03 2.95
CG MSE B 73 7.88 -0.13 4.10
SE MSE B 73 8.53 -1.95 4.35
CE MSE B 73 9.39 -2.21 2.61
N PHE B 74 4.03 1.14 3.55
CA PHE B 74 3.18 2.02 4.37
C PHE B 74 1.81 1.42 4.69
N ALA B 75 1.32 0.53 3.83
CA ALA B 75 0.12 -0.25 4.14
C ALA B 75 0.36 -1.10 5.40
N ALA B 76 1.45 -1.87 5.40
CA ALA B 76 1.76 -2.67 6.60
C ALA B 76 1.95 -1.77 7.81
N ARG B 77 2.62 -0.64 7.64
CA ARG B 77 2.78 0.34 8.73
C ARG B 77 1.44 0.84 9.28
N ALA B 78 0.51 1.15 8.38
CA ALA B 78 -0.81 1.63 8.79
C ALA B 78 -1.53 0.58 9.66
N GLN B 79 -1.46 -0.68 9.24
CA GLN B 79 -2.17 -1.76 9.95
C GLN B 79 -1.55 -1.94 11.33
N HIS B 80 -0.23 -1.92 11.35
CA HIS B 80 0.58 -2.11 12.55
C HIS B 80 0.35 -0.97 13.55
N LEU B 81 0.30 0.27 13.05
CA LEU B 81 0.02 1.40 13.92
C LEU B 81 -1.34 1.27 14.60
N ALA B 82 -2.36 0.93 13.81
CA ALA B 82 -3.72 0.86 14.34
C ALA B 82 -3.89 -0.31 15.29
N GLY B 83 -3.28 -1.44 14.94
CA GLY B 83 -3.50 -2.66 15.70
C GLY B 83 -2.59 -2.90 16.88
N VAL B 84 -1.43 -2.24 16.91
CA VAL B 84 -0.43 -2.58 17.91
C VAL B 84 0.17 -1.36 18.58
N ILE B 85 0.73 -0.47 17.76
CA ILE B 85 1.50 0.64 18.29
C ILE B 85 0.64 1.65 19.06
N ARG B 86 -0.39 2.20 18.43
CA ARG B 86 -1.18 3.20 19.13
C ARG B 86 -1.87 2.63 20.37
N PRO B 87 -2.43 1.42 20.28
CA PRO B 87 -3.03 0.85 21.49
C PRO B 87 -2.02 0.70 22.64
N ALA B 88 -0.80 0.27 22.34
CA ALA B 88 0.24 0.11 23.36
C ALA B 88 0.60 1.46 23.98
N LEU B 89 0.80 2.47 23.13
CA LEU B 89 1.13 3.81 23.65
C LEU B 89 -0.01 4.35 24.49
N ALA B 90 -1.24 3.97 24.14
CA ALA B 90 -2.42 4.42 24.87
C ALA B 90 -2.47 3.86 26.28
N ARG B 91 -1.94 2.66 26.46
CA ARG B 91 -1.92 2.07 27.80
C ARG B 91 -0.63 2.42 28.56
N GLY B 92 0.20 3.25 27.95
CA GLY B 92 1.42 3.71 28.60
C GLY B 92 2.59 2.75 28.55
N ALA B 93 2.53 1.77 27.65
CA ALA B 93 3.63 0.85 27.45
C ALA B 93 4.79 1.51 26.71
N VAL B 94 5.98 0.95 26.85
CA VAL B 94 7.08 1.28 25.96
C VAL B 94 7.02 0.34 24.76
N VAL B 95 6.93 0.90 23.56
CA VAL B 95 6.95 0.13 22.35
C VAL B 95 8.39 0.06 21.88
N LEU B 96 8.93 -1.15 21.71
CA LEU B 96 10.26 -1.31 21.13
C LEU B 96 10.10 -1.98 19.77
N CYS B 97 10.31 -1.22 18.71
CA CYS B 97 9.99 -1.68 17.36
C CYS B 97 11.22 -1.80 16.46
N ASP B 98 11.53 -3.01 16.01
CA ASP B 98 12.63 -3.22 15.07
C ASP B 98 12.23 -2.72 13.68
N ARG B 99 12.76 -1.55 13.33
CA ARG B 99 12.58 -0.89 12.04
C ARG B 99 11.25 -0.13 11.91
N PHE B 100 11.32 1.05 11.31
CA PHE B 100 10.15 1.87 11.13
C PHE B 100 10.43 2.81 9.94
N THR B 101 9.89 4.02 9.95
CA THR B 101 9.96 4.86 8.76
C THR B 101 11.37 5.35 8.42
N ASP B 102 12.27 5.41 9.41
CA ASP B 102 13.66 5.68 9.08
C ASP B 102 14.21 4.67 8.06
N ALA B 103 13.82 3.42 8.21
CA ALA B 103 14.21 2.40 7.23
C ALA B 103 13.63 2.70 5.86
N THR B 104 12.48 3.37 5.81
CA THR B 104 11.89 3.70 4.52
C THR B 104 12.77 4.76 3.85
N TYR B 105 13.14 5.78 4.61
CA TYR B 105 14.06 6.78 4.10
C TYR B 105 15.39 6.18 3.67
N ALA B 106 15.88 5.18 4.40
CA ALA B 106 17.20 4.59 4.12
C ALA B 106 17.17 3.65 2.92
N TYR B 107 16.19 2.74 2.91
CA TYR B 107 16.09 1.72 1.88
C TYR B 107 15.38 2.20 0.62
N GLN B 108 14.18 2.76 0.79
CA GLN B 108 13.40 3.25 -0.37
C GLN B 108 13.94 4.58 -0.88
N GLY B 109 14.43 5.41 0.02
CA GLY B 109 15.08 6.66 -0.35
C GLY B 109 16.51 6.47 -0.80
N GLY B 110 17.39 6.13 0.15
CA GLY B 110 18.80 6.00 -0.14
C GLY B 110 19.10 4.89 -1.14
N GLY B 111 18.55 3.71 -0.88
CA GLY B 111 18.84 2.56 -1.72
C GLY B 111 18.15 2.61 -3.09
N ARG B 112 16.84 2.81 -3.10
CA ARG B 112 16.08 2.82 -4.35
C ARG B 112 16.19 4.15 -5.10
N GLY B 113 16.39 5.23 -4.35
CA GLY B 113 16.49 6.55 -4.95
C GLY B 113 15.17 7.30 -5.04
N LEU B 114 14.18 6.89 -4.25
CA LEU B 114 12.91 7.61 -4.24
C LEU B 114 13.13 8.95 -3.55
N PRO B 115 12.48 10.01 -4.06
CA PRO B 115 12.70 11.32 -3.45
C PRO B 115 12.25 11.35 -2.03
N GLU B 116 13.03 11.99 -1.16
CA GLU B 116 12.66 12.17 0.24
C GLU B 116 11.27 12.77 0.40
N ALA B 117 10.93 13.70 -0.49
CA ALA B 117 9.65 14.39 -0.42
C ALA B 117 8.46 13.45 -0.53
N ARG B 118 8.59 12.44 -1.36
CA ARG B 118 7.49 11.49 -1.57
C ARG B 118 7.33 10.54 -0.39
N ILE B 119 8.45 10.14 0.20
CA ILE B 119 8.39 9.36 1.42
C ILE B 119 7.77 10.19 2.54
N ALA B 120 8.16 11.45 2.65
CA ALA B 120 7.61 12.31 3.70
C ALA B 120 6.11 12.52 3.53
N ALA B 121 5.66 12.60 2.28
CA ALA B 121 4.24 12.76 2.01
C ALA B 121 3.47 11.58 2.58
N LEU B 122 3.98 10.37 2.37
CA LEU B 122 3.28 9.20 2.88
C LEU B 122 3.43 9.05 4.39
N GLU B 123 4.57 9.50 4.90
CA GLU B 123 4.79 9.48 6.35
C GLU B 123 3.69 10.30 7.05
N SER B 124 3.47 11.52 6.59
CA SER B 124 2.42 12.35 7.16
C SER B 124 1.02 11.77 6.92
N PHE B 125 0.81 11.20 5.74
CA PHE B 125 -0.50 10.63 5.38
C PHE B 125 -0.88 9.50 6.33
N VAL B 126 0.09 8.65 6.62
CA VAL B 126 -0.14 7.44 7.42
C VAL B 126 -0.08 7.71 8.92
N GLN B 127 0.87 8.55 9.32
CA GLN B 127 1.19 8.71 10.75
C GLN B 127 0.63 9.98 11.38
N GLY B 128 0.17 10.89 10.54
CA GLY B 128 -0.16 12.21 11.04
C GLY B 128 1.05 12.79 11.73
N ASP B 129 0.88 13.23 12.98
CA ASP B 129 1.95 13.88 13.71
C ASP B 129 2.92 12.91 14.38
N LEU B 130 2.53 11.64 14.46
CA LEU B 130 3.28 10.66 15.24
C LEU B 130 4.65 10.33 14.69
N ARG B 131 5.66 10.43 15.54
CA ARG B 131 7.02 10.03 15.20
C ARG B 131 7.57 9.26 16.40
N PRO B 132 8.60 8.42 16.18
CA PRO B 132 9.22 7.79 17.36
C PRO B 132 9.73 8.84 18.35
N ASP B 133 9.69 8.53 19.64
CA ASP B 133 10.25 9.43 20.63
C ASP B 133 11.77 9.33 20.64
N LEU B 134 12.29 8.16 20.31
CA LEU B 134 13.73 7.93 20.33
C LEU B 134 14.02 6.85 19.30
N THR B 135 15.06 7.05 18.49
CA THR B 135 15.45 6.04 17.51
C THR B 135 16.91 5.66 17.73
N LEU B 136 17.16 4.37 17.95
CA LEU B 136 18.51 3.88 18.15
C LEU B 136 19.04 3.34 16.83
N VAL B 137 20.13 3.93 16.36
CA VAL B 137 20.76 3.50 15.13
C VAL B 137 21.97 2.65 15.46
N PHE B 138 21.90 1.36 15.15
CA PHE B 138 23.01 0.46 15.39
C PHE B 138 23.91 0.45 14.17
N ASP B 139 24.92 1.31 14.19
CA ASP B 139 25.78 1.52 13.03
C ASP B 139 26.85 0.46 12.95
N LEU B 140 27.19 0.07 11.73
CA LEU B 140 28.16 -0.99 11.53
C LEU B 140 28.63 -0.96 10.09
N PRO B 141 29.92 -1.25 9.85
CA PRO B 141 30.39 -1.37 8.47
C PRO B 141 29.48 -2.29 7.68
N VAL B 142 29.11 -1.87 6.47
CA VAL B 142 28.17 -2.61 5.65
C VAL B 142 28.51 -4.09 5.48
N GLU B 143 29.79 -4.39 5.28
CA GLU B 143 30.24 -5.76 5.05
C GLU B 143 29.85 -6.71 6.19
N ILE B 144 30.04 -6.26 7.43
CA ILE B 144 29.75 -7.05 8.62
C ILE B 144 28.29 -7.47 8.67
N GLY B 145 27.42 -6.46 8.62
CA GLY B 145 25.98 -6.66 8.59
C GLY B 145 25.50 -7.55 7.47
N LEU B 146 26.00 -7.33 6.26
CA LEU B 146 25.62 -8.15 5.12
C LEU B 146 25.99 -9.61 5.32
N ALA B 147 27.15 -9.84 5.93
CA ALA B 147 27.61 -11.18 6.20
C ALA B 147 26.67 -11.86 7.21
N ARG B 148 26.20 -11.09 8.19
CA ARG B 148 25.29 -11.62 9.20
C ARG B 148 23.98 -12.02 8.54
N ALA B 149 23.46 -11.13 7.70
CA ALA B 149 22.24 -11.38 6.96
C ALA B 149 22.40 -12.57 5.99
N ALA B 150 23.59 -12.73 5.43
CA ALA B 150 23.84 -13.80 4.47
C ALA B 150 24.20 -15.16 5.10
N ALA B 151 24.61 -15.15 6.37
CA ALA B 151 25.13 -16.37 7.02
C ALA B 151 24.32 -17.64 6.72
N ARG B 152 22.99 -17.51 6.66
CA ARG B 152 22.13 -18.67 6.45
C ARG B 152 20.91 -18.31 5.63
N GLY B 153 20.16 -19.32 5.19
CA GLY B 153 18.91 -19.10 4.47
C GLY B 153 19.06 -18.36 3.15
N ARG B 154 18.01 -18.40 2.34
CA ARG B 154 17.99 -17.73 1.05
C ARG B 154 17.98 -16.23 1.23
N LEU B 155 18.71 -15.52 0.37
CA LEU B 155 18.65 -14.06 0.37
C LEU B 155 17.28 -13.60 -0.12
N ASP B 156 16.64 -12.71 0.64
CA ASP B 156 15.33 -12.19 0.22
C ASP B 156 15.50 -11.05 -0.79
N ARG B 157 14.38 -10.45 -1.21
CA ARG B 157 14.42 -9.37 -2.20
C ARG B 157 15.45 -8.29 -1.89
N PHE B 158 15.52 -7.86 -0.64
CA PHE B 158 16.46 -6.79 -0.27
C PHE B 158 17.89 -7.29 -0.10
N GLU B 159 18.05 -8.46 0.51
CA GLU B 159 19.37 -9.01 0.79
C GLU B 159 20.13 -9.34 -0.50
N GLN B 160 19.38 -9.44 -1.59
CA GLN B 160 19.97 -9.71 -2.90
C GLN B 160 20.58 -8.46 -3.55
N GLU B 161 20.40 -7.30 -2.93
CA GLU B 161 20.84 -6.05 -3.54
C GLU B 161 22.35 -5.91 -3.61
N ASP B 162 22.84 -4.92 -4.36
CA ASP B 162 24.30 -4.81 -4.54
C ASP B 162 24.98 -4.01 -3.42
N ARG B 163 26.31 -4.01 -3.43
CA ARG B 163 27.08 -3.40 -2.35
C ARG B 163 26.76 -1.91 -2.21
N ARG B 164 26.61 -1.24 -3.35
CA ARG B 164 26.32 0.19 -3.35
C ARG B 164 24.99 0.51 -2.65
N PHE B 165 24.00 -0.35 -2.88
CA PHE B 165 22.68 -0.15 -2.30
C PHE B 165 22.82 -0.12 -0.78
N PHE B 166 23.53 -1.10 -0.22
CA PHE B 166 23.68 -1.17 1.23
C PHE B 166 24.56 -0.07 1.82
N GLU B 167 25.55 0.39 1.05
CA GLU B 167 26.32 1.55 1.51
C GLU B 167 25.45 2.80 1.57
N ALA B 168 24.56 2.96 0.59
CA ALA B 168 23.65 4.10 0.56
C ALA B 168 22.70 4.02 1.75
N VAL B 169 22.22 2.83 2.05
CA VAL B 169 21.37 2.61 3.22
C VAL B 169 22.07 3.11 4.48
N ARG B 170 23.32 2.70 4.68
CA ARG B 170 24.06 3.09 5.89
C ARG B 170 24.24 4.60 5.97
N GLN B 171 24.63 5.22 4.86
CA GLN B 171 24.88 6.66 4.91
C GLN B 171 23.62 7.47 5.20
N THR B 172 22.48 7.01 4.69
CA THR B 172 21.22 7.74 4.89
C THR B 172 20.86 7.76 6.37
N TYR B 173 20.99 6.60 7.02
CA TYR B 173 20.72 6.51 8.44
C TYR B 173 21.56 7.52 9.20
N LEU B 174 22.85 7.60 8.86
CA LEU B 174 23.78 8.48 9.57
C LEU B 174 23.48 9.96 9.32
N GLN B 175 23.16 10.30 8.08
CA GLN B 175 22.75 11.66 7.73
C GLN B 175 21.53 12.09 8.53
N ARG B 176 20.49 11.26 8.50
CA ARG B 176 19.25 11.57 9.20
C ARG B 176 19.44 11.79 10.69
N ALA B 177 20.18 10.89 11.32
CA ALA B 177 20.48 10.99 12.75
C ALA B 177 21.21 12.28 13.06
N ALA B 178 22.19 12.63 12.23
CA ALA B 178 22.98 13.83 12.45
C ALA B 178 22.16 15.11 12.31
N GLN B 179 21.03 15.03 11.62
CA GLN B 179 20.16 16.20 11.46
C GLN B 179 19.20 16.40 12.64
N ALA B 180 19.02 15.35 13.45
CA ALA B 180 18.16 15.43 14.63
C ALA B 180 18.71 14.67 15.83
N PRO B 181 19.82 15.14 16.40
CA PRO B 181 20.52 14.49 17.51
C PRO B 181 19.64 14.26 18.74
N GLU B 182 18.54 15.01 18.84
CA GLU B 182 17.67 14.96 20.01
C GLU B 182 16.79 13.71 20.04
N ARG B 183 16.52 13.12 18.87
CA ARG B 183 15.68 11.93 18.83
C ARG B 183 16.42 10.68 18.36
N TYR B 184 17.71 10.82 18.09
CA TYR B 184 18.51 9.67 17.64
C TYR B 184 19.71 9.45 18.55
N GLN B 185 20.08 8.19 18.75
CA GLN B 185 21.35 7.86 19.34
C GLN B 185 22.01 6.84 18.44
N VAL B 186 23.23 7.12 18.01
CA VAL B 186 23.95 6.20 17.16
C VAL B 186 24.90 5.36 18.02
N LEU B 187 24.71 4.04 17.94
CA LEU B 187 25.51 3.11 18.71
C LEU B 187 26.42 2.30 17.80
N ASP B 188 27.65 2.05 18.23
CA ASP B 188 28.57 1.25 17.46
C ASP B 188 28.25 -0.23 17.66
N ALA B 189 27.58 -0.83 16.69
CA ALA B 189 27.20 -2.22 16.77
C ALA B 189 28.40 -3.15 16.54
N GLY B 190 29.55 -2.56 16.24
CA GLY B 190 30.77 -3.32 16.02
C GLY B 190 31.70 -3.32 17.22
N LEU B 191 31.11 -3.25 18.41
CA LEU B 191 31.87 -3.30 19.65
C LEU B 191 31.58 -4.61 20.37
N PRO B 192 32.41 -4.95 21.38
CA PRO B 192 32.14 -6.11 22.22
C PRO B 192 30.79 -5.98 22.93
N LEU B 193 30.03 -7.07 22.98
CA LEU B 193 28.70 -7.05 23.57
C LEU B 193 28.65 -6.26 24.88
N ALA B 194 29.70 -6.37 25.68
CA ALA B 194 29.77 -5.67 26.96
C ALA B 194 29.73 -4.16 26.79
N GLU B 195 30.46 -3.64 25.81
CA GLU B 195 30.49 -2.20 25.55
C GLU B 195 29.18 -1.69 24.98
N VAL B 196 28.43 -2.58 24.31
CA VAL B 196 27.16 -2.19 23.71
C VAL B 196 25.98 -2.43 24.64
N GLN B 197 26.04 -3.53 25.40
CA GLN B 197 25.03 -3.79 26.42
C GLN B 197 25.09 -2.68 27.47
N ALA B 198 26.31 -2.23 27.76
CA ALA B 198 26.52 -1.13 28.71
C ALA B 198 26.26 0.21 28.06
N GLY B 199 26.38 0.26 26.74
CA GLY B 199 25.98 1.43 25.98
C GLY B 199 24.47 1.56 26.06
N LEU B 200 23.80 0.41 26.12
CA LEU B 200 22.35 0.37 26.28
C LEU B 200 22.00 0.71 27.71
N ASP B 201 22.84 0.29 28.65
CA ASP B 201 22.68 0.61 30.08
C ASP B 201 22.70 2.12 30.27
N ARG B 202 23.75 2.75 29.75
CA ARG B 202 23.91 4.20 29.89
C ARG B 202 22.76 4.93 29.23
N LEU B 203 21.91 4.17 28.55
CA LEU B 203 20.82 4.72 27.76
C LEU B 203 19.51 4.75 28.53
N LEU B 204 19.38 3.86 29.50
CA LEU B 204 18.13 3.70 30.23
C LEU B 204 17.66 4.98 30.94
N PRO B 205 18.57 5.66 31.65
CA PRO B 205 18.13 6.87 32.37
C PRO B 205 17.45 7.87 31.45
N ASN B 206 17.97 8.04 30.24
CA ASN B 206 17.32 8.91 29.26
C ASN B 206 15.95 8.40 28.85
N LEU B 207 15.88 7.11 28.53
CA LEU B 207 14.62 6.45 28.20
C LEU B 207 13.59 6.65 29.30
N LEU B 208 13.93 6.24 30.52
CA LEU B 208 13.03 6.31 31.66
C LEU B 208 12.50 7.73 31.85
N GLU B 209 13.38 8.71 31.70
CA GLU B 209 13.03 10.13 31.81
C GLU B 209 12.05 10.53 30.71
N ARG B 210 12.30 10.07 29.50
CA ARG B 210 11.43 10.35 28.37
C ARG B 210 10.05 9.76 28.63
N LEU B 211 10.01 8.67 29.37
CA LEU B 211 8.75 8.00 29.68
C LEU B 211 7.95 8.87 30.63
N ASN B 212 8.58 9.31 31.71
CA ASN B 212 7.93 10.22 32.63
C ASN B 212 8.12 11.68 32.24
P TMP C . -14.58 -7.35 -8.41
O1P TMP C . -14.79 -6.70 -9.74
O2P TMP C . -15.95 -7.49 -7.84
O3P TMP C . -14.10 -8.74 -8.70
O5' TMP C . -13.63 -6.56 -7.46
C5' TMP C . -13.23 -7.12 -6.26
C4' TMP C . -13.61 -6.17 -5.15
O4' TMP C . -12.73 -5.09 -5.07
C3' TMP C . -14.98 -5.55 -5.31
O3' TMP C . -15.75 -5.86 -4.20
C2' TMP C . -14.76 -4.09 -5.38
C1' TMP C . -13.44 -3.95 -4.70
N1 TMP C . -12.67 -2.73 -5.01
C2 TMP C . -12.53 -1.67 -4.03
O2 TMP C . -13.05 -1.77 -2.93
N3 TMP C . -11.76 -0.50 -4.36
C4 TMP C . -11.13 -0.40 -5.62
O4 TMP C . -10.46 0.59 -5.89
C5 TMP C . -11.28 -1.50 -6.63
C5M TMP C . -10.61 -1.43 -7.99
C6 TMP C . -12.02 -2.62 -6.30
CA CA D . -17.13 -9.08 -6.28
P TMP E . 14.90 -7.12 8.60
O1P TMP E . 16.23 -7.33 7.97
O2P TMP E . 14.37 -8.51 8.87
O3P TMP E . 15.16 -6.42 9.87
O5' TMP E . 13.92 -6.31 7.70
C5' TMP E . 13.48 -6.87 6.51
C4' TMP E . 13.78 -5.93 5.35
O4' TMP E . 12.85 -4.88 5.32
C3' TMP E . 15.14 -5.29 5.37
O3' TMP E . 15.87 -5.66 4.26
C2' TMP E . 14.86 -3.83 5.34
C1' TMP E . 13.47 -3.77 4.78
N1 TMP E . 12.69 -2.56 5.07
C2 TMP E . 12.55 -1.54 4.05
O2 TMP E . 13.11 -1.66 2.96
N3 TMP E . 11.78 -0.39 4.35
C4 TMP E . 11.12 -0.25 5.59
O4 TMP E . 10.43 0.75 5.81
C5 TMP E . 11.26 -1.31 6.64
C5M TMP E . 10.56 -1.18 7.98
C6 TMP E . 12.02 -2.43 6.36
CA CA F . 17.30 -8.94 6.45
CA CA G . 19.63 -14.92 6.63
#